data_8S6D
#
_entry.id   8S6D
#
_cell.length_a   85.308
_cell.length_b   106.217
_cell.length_c   117.750
_cell.angle_alpha   90.00
_cell.angle_beta   90.00
_cell.angle_gamma   90.00
#
_symmetry.space_group_name_H-M   'I 2 2 2'
#
loop_
_entity.id
_entity.type
_entity.pdbx_description
1 polymer 'Fumonisin B1 esterase'
2 water water
#
_entity_poly.entity_id   1
_entity_poly.type   'polypeptide(L)'
_entity_poly.pdbx_seq_one_letter_code
;MAGAATATDFPVRRTDLGQVQGLAGDVMSFRGIPYAAPPVGGLRWKPPQHARPWAGVRPATQFGSDCFGAAYLRKGSLAP
GVSEDCLYLNVWAPSGAKPGQYPVMVWVYGGGFAGGTAAMPYYDGEALARQGVVVVTFNYRTNILGFFAHPGLSRESPTG
TSGNYGLLDILAALRWVQSNARAFGGDPGRVTVFGESAGASAIGLLLTSPLSKGLFRGAILESPGLTRPLATLADSAASG
ERLDADLSRLRSTDPATLMARADAARPASRDLRRPRPTGPIVDGHVLPQTDSAAIAAGQLAPVRVLIGTNADEGRAFLGR
APMETPADYQAYLEAQFGDQAAAVAACYPLDGRATPKEMVARIFGDNQFNRGVSAFSEALVRQGAPVWRYQFNGNTEGGR
APATHGAEIPYVFGVFKLDELGLFDWPPEGPTPADRALGQLMSSAWVRFAKNGDPAGDALTWPAYSTGKSTMTFGPEGRA
AVVSPGPSIPPCADGAKAG
;
_entity_poly.pdbx_strand_id   A
#
# COMPACT_ATOMS: atom_id res chain seq x y z
N ASP A 9 8.17 29.97 -14.36
CA ASP A 9 7.81 28.71 -15.02
C ASP A 9 6.32 28.39 -14.83
N PHE A 10 5.63 28.19 -15.95
CA PHE A 10 4.19 28.00 -15.98
C PHE A 10 3.82 26.55 -15.65
N PRO A 11 2.64 26.32 -15.07
CA PRO A 11 2.18 24.96 -14.73
C PRO A 11 1.63 24.18 -15.92
N VAL A 12 2.39 24.15 -17.01
CA VAL A 12 2.06 23.38 -18.20
C VAL A 12 3.22 22.45 -18.50
N ARG A 13 2.93 21.17 -18.70
CA ARG A 13 3.97 20.18 -18.95
C ARG A 13 3.54 19.22 -20.05
N ARG A 14 4.51 18.70 -20.80
CA ARG A 14 4.25 17.83 -21.92
C ARG A 14 4.48 16.38 -21.52
N THR A 15 3.40 15.63 -21.34
CA THR A 15 3.52 14.19 -21.23
C THR A 15 3.70 13.58 -22.61
N ASP A 16 4.04 12.29 -22.64
CA ASP A 16 4.19 11.59 -23.91
C ASP A 16 2.88 11.49 -24.68
N LEU A 17 1.75 11.80 -24.04
CA LEU A 17 0.47 11.83 -24.71
C LEU A 17 -0.02 13.24 -25.04
N GLY A 18 0.73 14.28 -24.64
CA GLY A 18 0.26 15.65 -24.85
C GLY A 18 0.43 16.55 -23.65
N GLN A 19 0.12 17.83 -23.79
CA GLN A 19 0.35 18.77 -22.70
C GLN A 19 -0.79 18.75 -21.70
N VAL A 20 -0.46 19.05 -20.45
CA VAL A 20 -1.41 19.15 -19.36
C VAL A 20 -1.15 20.45 -18.60
N GLN A 21 -2.23 21.03 -18.08
CA GLN A 21 -2.15 22.24 -17.26
C GLN A 21 -2.51 21.90 -15.81
N GLY A 22 -1.60 22.20 -14.89
CA GLY A 22 -1.87 22.00 -13.48
C GLY A 22 -2.09 23.31 -12.72
N LEU A 23 -1.75 23.31 -11.44
CA LEU A 23 -1.90 24.48 -10.57
C LEU A 23 -0.53 25.04 -10.21
N ALA A 24 -0.40 26.36 -10.27
CA ALA A 24 0.87 27.02 -10.02
C ALA A 24 1.12 27.16 -8.52
N GLY A 25 2.36 27.50 -8.20
CA GLY A 25 2.77 27.63 -6.81
C GLY A 25 4.24 27.28 -6.68
N ASP A 26 4.75 27.42 -5.45
CA ASP A 26 6.12 27.00 -5.18
C ASP A 26 6.30 25.50 -5.46
N VAL A 27 5.26 24.72 -5.24
CA VAL A 27 5.17 23.35 -5.73
C VAL A 27 4.04 23.31 -6.73
N MET A 28 4.37 22.98 -7.98
CA MET A 28 3.35 22.81 -9.01
C MET A 28 2.62 21.49 -8.80
N SER A 29 1.30 21.53 -8.96
CA SER A 29 0.43 20.39 -8.76
C SER A 29 -0.35 20.10 -10.03
N PHE A 30 -0.34 18.84 -10.47
CA PHE A 30 -1.08 18.35 -11.62
C PHE A 30 -1.96 17.20 -11.15
N ARG A 31 -3.22 17.17 -11.58
CA ARG A 31 -4.17 16.20 -11.09
C ARG A 31 -5.00 15.63 -12.24
N GLY A 32 -5.28 14.33 -12.17
CA GLY A 32 -6.14 13.71 -13.14
C GLY A 32 -5.51 13.42 -14.49
N ILE A 33 -4.21 13.17 -14.52
CA ILE A 33 -3.53 12.82 -15.76
C ILE A 33 -3.83 11.36 -16.06
N PRO A 34 -4.38 11.03 -17.23
CA PRO A 34 -4.56 9.61 -17.58
C PRO A 34 -3.21 8.94 -17.82
N TYR A 35 -3.09 7.72 -17.32
CA TYR A 35 -1.90 6.91 -17.61
C TYR A 35 -2.24 5.62 -18.34
N ALA A 36 -3.50 5.40 -18.66
CA ALA A 36 -3.92 4.23 -19.43
C ALA A 36 -5.29 4.52 -20.04
N ALA A 37 -5.65 3.72 -21.04
CA ALA A 37 -6.98 3.84 -21.62
C ALA A 37 -8.03 3.46 -20.57
N PRO A 38 -9.20 4.08 -20.58
CA PRO A 38 -10.25 3.73 -19.61
C PRO A 38 -10.60 2.26 -19.70
N PRO A 39 -10.46 1.51 -18.62
CA PRO A 39 -10.74 0.07 -18.65
C PRO A 39 -12.23 -0.25 -18.56
N VAL A 40 -12.99 0.22 -19.57
CA VAL A 40 -14.44 0.10 -19.58
C VAL A 40 -14.87 -0.78 -20.75
N GLY A 41 -16.08 -1.32 -20.64
CA GLY A 41 -16.63 -2.15 -21.69
C GLY A 41 -15.77 -3.38 -21.92
N GLY A 42 -15.29 -3.53 -23.16
CA GLY A 42 -14.45 -4.67 -23.50
C GLY A 42 -13.11 -4.68 -22.78
N LEU A 43 -12.68 -3.54 -22.24
CA LEU A 43 -11.41 -3.43 -21.52
C LEU A 43 -11.56 -3.68 -20.03
N ARG A 44 -12.76 -3.90 -19.53
CA ARG A 44 -12.90 -4.38 -18.16
C ARG A 44 -12.27 -5.77 -18.06
N TRP A 45 -11.51 -5.99 -16.99
CA TRP A 45 -10.80 -7.24 -16.74
C TRP A 45 -9.80 -7.56 -17.86
N LYS A 46 -9.24 -6.52 -18.46
CA LYS A 46 -8.09 -6.62 -19.33
C LYS A 46 -6.93 -5.87 -18.70
N PRO A 47 -5.69 -6.24 -19.03
CA PRO A 47 -4.55 -5.40 -18.64
C PRO A 47 -4.77 -3.97 -19.09
N PRO A 48 -4.20 -3.01 -18.38
CA PRO A 48 -4.33 -1.61 -18.81
C PRO A 48 -3.67 -1.39 -20.16
N GLN A 49 -4.36 -0.66 -21.03
CA GLN A 49 -3.87 -0.36 -22.37
C GLN A 49 -3.33 1.06 -22.42
N HIS A 50 -2.43 1.29 -23.39
CA HIS A 50 -1.89 2.62 -23.60
C HIS A 50 -3.02 3.59 -23.94
N ALA A 51 -2.97 4.77 -23.32
CA ALA A 51 -3.98 5.78 -23.59
C ALA A 51 -3.74 6.44 -24.94
N ARG A 52 -4.76 7.15 -25.42
CA ARG A 52 -4.65 7.84 -26.70
C ARG A 52 -4.13 9.27 -26.49
N PRO A 53 -3.30 9.76 -27.41
CA PRO A 53 -2.83 11.13 -27.30
C PRO A 53 -3.96 12.12 -27.56
N TRP A 54 -3.73 13.37 -27.15
CA TRP A 54 -4.67 14.45 -27.33
C TRP A 54 -3.94 15.67 -27.89
N ALA A 55 -4.72 16.61 -28.39
CA ALA A 55 -4.22 17.87 -28.91
C ALA A 55 -4.36 18.97 -27.87
N GLY A 56 -3.55 20.03 -28.04
CA GLY A 56 -3.63 21.16 -27.16
C GLY A 56 -3.21 20.81 -25.74
N VAL A 57 -3.73 21.59 -24.79
CA VAL A 57 -3.41 21.43 -23.38
C VAL A 57 -4.65 20.88 -22.68
N ARG A 58 -4.53 19.68 -22.15
CA ARG A 58 -5.59 19.01 -21.40
C ARG A 58 -5.63 19.54 -19.97
N PRO A 59 -6.83 19.80 -19.44
CA PRO A 59 -6.93 20.26 -18.05
C PRO A 59 -6.45 19.19 -17.08
N ALA A 60 -5.64 19.60 -16.11
CA ALA A 60 -5.15 18.72 -15.06
C ALA A 60 -5.21 19.43 -13.71
N THR A 61 -6.28 20.17 -13.47
CA THR A 61 -6.45 20.90 -12.22
C THR A 61 -7.35 20.19 -11.22
N GLN A 62 -8.10 19.18 -11.65
CA GLN A 62 -9.02 18.45 -10.78
C GLN A 62 -8.66 16.97 -10.80
N PHE A 63 -8.80 16.34 -9.63
CA PHE A 63 -8.62 14.90 -9.55
C PHE A 63 -9.56 14.19 -10.52
N GLY A 64 -9.10 13.08 -11.07
CA GLY A 64 -9.96 12.21 -11.84
C GLY A 64 -10.92 11.46 -10.94
N SER A 65 -11.78 10.67 -11.56
CA SER A 65 -12.71 9.85 -10.80
C SER A 65 -11.96 8.78 -10.01
N ASP A 66 -12.51 8.44 -8.85
CA ASP A 66 -12.00 7.32 -8.08
C ASP A 66 -12.43 6.00 -8.71
N CYS A 67 -11.61 4.97 -8.51
CA CYS A 67 -11.99 3.63 -8.90
C CYS A 67 -13.07 3.10 -7.94
N PHE A 68 -13.91 2.20 -8.46
CA PHE A 68 -14.94 1.59 -7.64
C PHE A 68 -14.32 0.83 -6.47
N GLY A 69 -14.93 0.95 -5.30
CA GLY A 69 -14.42 0.29 -4.11
C GLY A 69 -15.37 0.52 -2.96
N ALA A 70 -15.07 -0.16 -1.84
CA ALA A 70 -15.88 -0.02 -0.63
C ALA A 70 -16.01 1.45 -0.24
N ALA A 71 -17.25 1.88 -0.01
CA ALA A 71 -17.54 3.31 0.18
C ALA A 71 -16.75 3.89 1.36
N TYR A 72 -16.64 3.13 2.46
CA TYR A 72 -15.98 3.68 3.65
C TYR A 72 -14.50 3.93 3.43
N LEU A 73 -13.91 3.38 2.36
CA LEU A 73 -12.49 3.59 2.08
C LEU A 73 -12.24 4.81 1.19
N ARG A 74 -13.29 5.50 0.77
CA ARG A 74 -13.13 6.76 0.05
C ARG A 74 -13.82 7.92 0.76
N LYS A 75 -14.44 7.66 1.90
CA LYS A 75 -15.00 8.74 2.71
C LYS A 75 -13.95 9.80 2.96
N GLY A 76 -14.24 11.03 2.53
CA GLY A 76 -13.27 12.10 2.59
C GLY A 76 -12.50 12.32 1.31
N SER A 77 -12.85 11.65 0.23
CA SER A 77 -12.14 11.81 -1.04
C SER A 77 -12.40 13.19 -1.63
N LEU A 78 -11.35 13.76 -2.25
CA LEU A 78 -11.48 15.04 -2.93
C LEU A 78 -11.85 14.89 -4.40
N ALA A 79 -12.07 13.67 -4.87
CA ALA A 79 -12.41 13.40 -6.26
C ALA A 79 -13.88 13.73 -6.54
N PRO A 80 -14.22 14.01 -7.81
CA PRO A 80 -15.61 14.38 -8.13
C PRO A 80 -16.59 13.21 -8.17
N GLY A 81 -16.13 11.97 -8.06
CA GLY A 81 -17.03 10.85 -8.10
C GLY A 81 -16.29 9.54 -8.28
N VAL A 82 -17.04 8.54 -8.73
CA VAL A 82 -16.55 7.17 -8.88
C VAL A 82 -16.87 6.71 -10.30
N SER A 83 -15.95 5.98 -10.91
CA SER A 83 -16.14 5.51 -12.27
C SER A 83 -15.17 4.38 -12.56
N GLU A 84 -15.56 3.49 -13.49
CA GLU A 84 -14.60 2.54 -14.02
C GLU A 84 -13.49 3.27 -14.78
N ASP A 85 -13.82 4.40 -15.38
CA ASP A 85 -12.86 5.31 -15.99
C ASP A 85 -12.17 6.05 -14.85
N CYS A 86 -11.08 5.45 -14.35
CA CYS A 86 -10.45 5.94 -13.12
C CYS A 86 -8.94 5.83 -13.11
N LEU A 87 -8.30 5.40 -14.20
CA LEU A 87 -6.84 5.24 -14.22
C LEU A 87 -6.21 6.61 -14.44
N TYR A 88 -6.07 7.36 -13.34
CA TYR A 88 -5.53 8.71 -13.36
C TYR A 88 -4.42 8.84 -12.32
N LEU A 89 -3.49 9.76 -12.56
CA LEU A 89 -2.42 10.02 -11.61
C LEU A 89 -2.25 11.52 -11.41
N ASN A 90 -1.52 11.85 -10.35
CA ASN A 90 -1.30 13.21 -9.88
C ASN A 90 0.18 13.37 -9.58
N VAL A 91 0.70 14.57 -9.86
CA VAL A 91 2.13 14.86 -9.76
C VAL A 91 2.33 16.18 -9.03
N TRP A 92 3.18 16.18 -8.02
CA TRP A 92 3.65 17.38 -7.35
C TRP A 92 5.15 17.52 -7.62
N ALA A 93 5.57 18.74 -7.96
CA ALA A 93 7.00 18.94 -8.24
C ALA A 93 7.42 20.35 -7.89
N PRO A 94 8.63 20.54 -7.35
CA PRO A 94 9.11 21.90 -7.11
C PRO A 94 9.04 22.75 -8.37
N SER A 95 8.59 23.99 -8.21
CA SER A 95 8.47 24.88 -9.35
C SER A 95 9.83 25.12 -9.99
N GLY A 96 9.87 25.12 -11.31
CA GLY A 96 11.14 25.31 -11.99
C GLY A 96 12.09 24.15 -11.93
N ALA A 97 11.59 22.95 -11.60
CA ALA A 97 12.44 21.76 -11.63
C ALA A 97 12.86 21.48 -13.07
N LYS A 98 14.14 21.20 -13.25
CA LYS A 98 14.70 20.91 -14.57
C LYS A 98 14.58 19.42 -14.87
N PRO A 99 14.67 19.03 -16.14
CA PRO A 99 14.55 17.61 -16.48
C PRO A 99 15.62 16.77 -15.79
N GLY A 100 15.18 15.68 -15.16
CA GLY A 100 16.09 14.79 -14.46
C GLY A 100 16.65 15.30 -13.15
N GLN A 101 16.12 16.42 -12.63
CA GLN A 101 16.74 17.06 -11.48
C GLN A 101 16.50 16.27 -10.20
N TYR A 102 15.24 15.95 -9.91
CA TYR A 102 14.85 15.41 -8.62
C TYR A 102 14.56 13.92 -8.66
N PRO A 103 14.69 13.24 -7.53
CA PRO A 103 14.18 11.86 -7.44
C PRO A 103 12.67 11.85 -7.38
N VAL A 104 12.07 10.69 -7.65
CA VAL A 104 10.63 10.54 -7.71
C VAL A 104 10.17 9.55 -6.66
N MET A 105 9.09 9.88 -5.97
CA MET A 105 8.44 8.98 -5.02
C MET A 105 7.02 8.71 -5.52
N VAL A 106 6.71 7.44 -5.77
CA VAL A 106 5.43 7.03 -6.34
C VAL A 106 4.63 6.31 -5.25
N TRP A 107 3.52 6.91 -4.85
CA TRP A 107 2.73 6.43 -3.73
C TRP A 107 1.72 5.37 -4.16
N VAL A 108 1.53 4.37 -3.30
CA VAL A 108 0.55 3.31 -3.51
C VAL A 108 -0.28 3.23 -2.22
N TYR A 109 -1.50 3.77 -2.29
CA TYR A 109 -2.39 3.73 -1.14
C TYR A 109 -2.90 2.31 -0.91
N GLY A 110 -3.31 2.06 0.32
CA GLY A 110 -3.86 0.78 0.72
C GLY A 110 -5.38 0.93 1.01
N GLY A 111 -6.11 -0.08 0.62
CA GLY A 111 -7.53 -0.15 0.92
C GLY A 111 -7.95 -1.60 0.96
N GLY A 112 -7.10 -2.45 1.51
CA GLY A 112 -7.39 -3.88 1.63
C GLY A 112 -7.69 -4.56 0.31
N PHE A 113 -7.20 -3.99 -0.80
CA PHE A 113 -7.56 -4.45 -2.15
C PHE A 113 -9.07 -4.45 -2.35
N ALA A 114 -9.76 -3.59 -1.61
CA ALA A 114 -11.21 -3.47 -1.71
C ALA A 114 -11.68 -2.05 -2.01
N GLY A 115 -10.84 -1.05 -1.79
CA GLY A 115 -11.22 0.32 -2.05
C GLY A 115 -10.04 1.25 -1.89
N GLY A 116 -10.35 2.53 -1.76
CA GLY A 116 -9.34 3.55 -1.55
C GLY A 116 -9.19 4.47 -2.76
N THR A 117 -8.43 5.53 -2.54
CA THR A 117 -8.18 6.53 -3.57
C THR A 117 -6.94 7.33 -3.20
N ALA A 118 -6.29 7.86 -4.23
CA ALA A 118 -5.19 8.79 -4.02
C ALA A 118 -5.67 10.16 -3.59
N ALA A 119 -6.93 10.51 -3.87
CA ALA A 119 -7.43 11.85 -3.60
C ALA A 119 -7.81 12.03 -2.13
N MET A 120 -6.93 11.60 -1.23
CA MET A 120 -7.15 11.93 0.18
C MET A 120 -6.32 13.15 0.55
N PRO A 121 -6.87 14.05 1.39
CA PRO A 121 -6.09 15.22 1.80
C PRO A 121 -4.78 14.86 2.48
N TYR A 122 -4.71 13.71 3.15
CA TYR A 122 -3.47 13.29 3.77
C TYR A 122 -2.52 12.57 2.80
N TYR A 123 -2.90 12.42 1.52
CA TYR A 123 -1.97 11.98 0.48
C TYR A 123 -1.52 13.12 -0.42
N ASP A 124 -1.77 14.36 -0.03
CA ASP A 124 -1.30 15.51 -0.79
C ASP A 124 0.22 15.56 -0.78
N GLY A 125 0.83 15.68 -1.96
CA GLY A 125 2.26 15.56 -2.10
C GLY A 125 3.07 16.83 -1.94
N GLU A 126 2.45 17.92 -1.49
CA GLU A 126 3.15 19.21 -1.47
C GLU A 126 4.30 19.22 -0.47
N ALA A 127 4.05 18.79 0.76
CA ALA A 127 5.06 18.86 1.80
C ALA A 127 6.26 17.97 1.48
N LEU A 128 6.01 16.82 0.85
CA LEU A 128 7.11 15.97 0.40
C LEU A 128 7.86 16.63 -0.74
N ALA A 129 7.14 17.14 -1.74
CA ALA A 129 7.78 17.71 -2.92
C ALA A 129 8.64 18.91 -2.57
N ARG A 130 8.20 19.71 -1.59
CA ARG A 130 8.98 20.87 -1.15
C ARG A 130 10.35 20.48 -0.61
N GLN A 131 10.52 19.24 -0.13
CA GLN A 131 11.83 18.79 0.32
C GLN A 131 12.72 18.32 -0.83
N GLY A 132 12.27 18.48 -2.07
CA GLY A 132 13.10 18.21 -3.23
C GLY A 132 12.84 16.87 -3.89
N VAL A 133 11.58 16.53 -4.12
CA VAL A 133 11.21 15.31 -4.81
C VAL A 133 10.03 15.59 -5.73
N VAL A 134 9.84 14.71 -6.71
CA VAL A 134 8.64 14.66 -7.53
C VAL A 134 7.75 13.57 -6.95
N VAL A 135 6.56 13.95 -6.47
CA VAL A 135 5.64 13.03 -5.83
C VAL A 135 4.56 12.63 -6.81
N VAL A 136 4.31 11.33 -6.95
CA VAL A 136 3.27 10.82 -7.83
C VAL A 136 2.31 9.98 -7.01
N THR A 137 1.02 10.28 -7.12
CA THR A 137 -0.03 9.43 -6.57
C THR A 137 -0.94 9.01 -7.72
N PHE A 138 -1.67 7.91 -7.56
CA PHE A 138 -2.44 7.40 -8.68
C PHE A 138 -3.48 6.42 -8.18
N ASN A 139 -4.55 6.28 -8.97
CA ASN A 139 -5.59 5.29 -8.72
C ASN A 139 -5.31 4.02 -9.51
N TYR A 140 -5.68 2.89 -8.93
CA TYR A 140 -5.62 1.60 -9.60
C TYR A 140 -6.91 0.83 -9.34
N ARG A 141 -7.23 -0.09 -10.24
CA ARG A 141 -8.45 -0.87 -10.07
C ARG A 141 -8.34 -1.76 -8.84
N THR A 142 -9.46 -1.93 -8.14
CA THR A 142 -9.49 -2.70 -6.91
C THR A 142 -10.82 -3.43 -6.81
N ASN A 143 -10.98 -4.19 -5.73
CA ASN A 143 -12.19 -4.98 -5.49
C ASN A 143 -12.40 -5.93 -6.68
N ILE A 144 -13.65 -6.28 -7.00
CA ILE A 144 -13.89 -7.25 -8.05
C ILE A 144 -13.47 -6.74 -9.42
N LEU A 145 -13.41 -5.43 -9.62
CA LEU A 145 -13.01 -4.90 -10.91
C LEU A 145 -11.49 -4.91 -11.10
N GLY A 146 -10.72 -4.98 -10.03
CA GLY A 146 -9.28 -5.03 -10.15
C GLY A 146 -8.69 -6.41 -9.89
N PHE A 147 -9.46 -7.27 -9.24
CA PHE A 147 -8.97 -8.59 -8.82
C PHE A 147 -10.10 -9.60 -8.99
N PHE A 148 -10.06 -10.32 -10.11
CA PHE A 148 -11.13 -11.23 -10.49
C PHE A 148 -10.60 -12.17 -11.57
N ALA A 149 -10.85 -13.46 -11.41
CA ALA A 149 -10.43 -14.47 -12.37
C ALA A 149 -11.65 -15.21 -12.91
N HIS A 150 -11.54 -15.65 -14.17
CA HIS A 150 -12.65 -16.31 -14.85
C HIS A 150 -12.09 -17.16 -15.98
N PRO A 151 -12.65 -18.35 -16.24
CA PRO A 151 -12.12 -19.17 -17.34
C PRO A 151 -12.15 -18.48 -18.70
N GLY A 152 -13.18 -17.68 -18.99
CA GLY A 152 -13.21 -16.96 -20.26
C GLY A 152 -12.15 -15.87 -20.31
N LEU A 153 -11.86 -15.25 -19.17
CA LEU A 153 -10.80 -14.24 -19.12
C LEU A 153 -9.44 -14.88 -19.38
N SER A 154 -9.20 -16.05 -18.80
CA SER A 154 -7.96 -16.76 -19.09
C SER A 154 -7.90 -17.20 -20.54
N ARG A 155 -9.05 -17.58 -21.11
CA ARG A 155 -9.08 -18.01 -22.50
C ARG A 155 -8.71 -16.87 -23.46
N GLU A 156 -9.25 -15.68 -23.22
CA GLU A 156 -8.99 -14.57 -24.13
C GLU A 156 -7.61 -13.94 -23.94
N SER A 157 -6.89 -14.32 -22.88
CA SER A 157 -5.70 -13.62 -22.44
C SER A 157 -4.49 -13.98 -23.30
N PRO A 158 -3.62 -13.01 -23.59
CA PRO A 158 -2.36 -13.35 -24.29
C PRO A 158 -1.46 -14.25 -23.49
N THR A 159 -1.54 -14.20 -22.16
CA THR A 159 -0.75 -15.07 -21.29
C THR A 159 -1.54 -16.27 -20.79
N GLY A 160 -2.80 -16.41 -21.19
CA GLY A 160 -3.62 -17.50 -20.72
C GLY A 160 -3.99 -17.43 -19.26
N THR A 161 -3.82 -16.27 -18.63
CA THR A 161 -4.08 -16.09 -17.21
C THR A 161 -5.15 -15.02 -17.02
N SER A 162 -5.54 -14.80 -15.76
CA SER A 162 -6.50 -13.75 -15.44
C SER A 162 -6.28 -13.31 -13.99
N GLY A 163 -6.99 -12.25 -13.61
CA GLY A 163 -6.83 -11.67 -12.30
C GLY A 163 -5.69 -10.66 -12.24
N ASN A 164 -5.54 -10.06 -11.07
CA ASN A 164 -4.41 -9.19 -10.72
C ASN A 164 -4.35 -7.92 -11.58
N TYR A 165 -5.51 -7.43 -12.03
CA TYR A 165 -5.51 -6.24 -12.88
C TYR A 165 -5.06 -5.00 -12.12
N GLY A 166 -5.33 -4.92 -10.81
CA GLY A 166 -4.83 -3.81 -10.03
C GLY A 166 -3.30 -3.76 -9.98
N LEU A 167 -2.66 -4.92 -9.85
CA LEU A 167 -1.21 -4.96 -9.88
C LEU A 167 -0.67 -4.49 -11.23
N LEU A 168 -1.31 -4.94 -12.31
CA LEU A 168 -0.92 -4.46 -13.64
C LEU A 168 -1.11 -2.95 -13.75
N ASP A 169 -2.12 -2.39 -13.08
CA ASP A 169 -2.29 -0.94 -13.10
C ASP A 169 -1.16 -0.24 -12.36
N ILE A 170 -0.75 -0.78 -11.20
CA ILE A 170 0.43 -0.26 -10.51
C ILE A 170 1.63 -0.22 -11.44
N LEU A 171 1.86 -1.34 -12.14
CA LEU A 171 2.99 -1.42 -13.05
C LEU A 171 2.85 -0.42 -14.20
N ALA A 172 1.64 -0.23 -14.72
CA ALA A 172 1.44 0.73 -15.80
C ALA A 172 1.73 2.15 -15.32
N ALA A 173 1.33 2.49 -14.09
CA ALA A 173 1.65 3.80 -13.55
C ALA A 173 3.16 3.98 -13.41
N LEU A 174 3.86 2.93 -12.97
CA LEU A 174 5.31 3.01 -12.88
C LEU A 174 5.96 3.20 -14.25
N ARG A 175 5.41 2.55 -15.28
CA ARG A 175 5.92 2.74 -16.64
C ARG A 175 5.66 4.17 -17.13
N TRP A 176 4.48 4.72 -16.83
CA TRP A 176 4.23 6.12 -17.11
C TRP A 176 5.28 7.01 -16.47
N VAL A 177 5.64 6.72 -15.22
CA VAL A 177 6.65 7.51 -14.54
C VAL A 177 7.99 7.38 -15.24
N GLN A 178 8.38 6.16 -15.60
CA GLN A 178 9.60 5.96 -16.39
C GLN A 178 9.62 6.86 -17.62
N SER A 179 8.49 6.92 -18.35
CA SER A 179 8.46 7.65 -19.60
C SER A 179 8.31 9.16 -19.43
N ASN A 180 7.78 9.63 -18.30
CA ASN A 180 7.38 11.03 -18.18
C ASN A 180 8.06 11.79 -17.05
N ALA A 181 8.89 11.14 -16.23
CA ALA A 181 9.44 11.82 -15.06
C ALA A 181 10.24 13.06 -15.42
N ARG A 182 11.04 12.98 -16.49
CA ARG A 182 11.89 14.13 -16.84
C ARG A 182 11.08 15.36 -17.17
N ALA A 183 9.99 15.19 -17.91
CA ALA A 183 9.11 16.32 -18.25
C ALA A 183 8.56 17.02 -17.02
N PHE A 184 8.50 16.34 -15.87
CA PHE A 184 7.98 16.94 -14.65
C PHE A 184 9.07 17.21 -13.62
N GLY A 185 10.33 17.26 -14.05
CA GLY A 185 11.44 17.55 -13.16
C GLY A 185 12.04 16.36 -12.45
N GLY A 186 11.66 15.14 -12.82
CA GLY A 186 12.11 13.96 -12.11
C GLY A 186 13.13 13.13 -12.84
N ASP A 187 13.82 12.25 -12.10
CA ASP A 187 14.84 11.37 -12.64
C ASP A 187 14.30 9.95 -12.69
N PRO A 188 14.04 9.39 -13.87
CA PRO A 188 13.53 8.00 -13.92
C PRO A 188 14.51 6.97 -13.38
N GLY A 189 15.79 7.31 -13.24
CA GLY A 189 16.75 6.41 -12.62
C GLY A 189 16.80 6.49 -11.12
N ARG A 190 15.99 7.35 -10.52
CA ARG A 190 15.92 7.52 -9.08
C ARG A 190 14.46 7.49 -8.62
N VAL A 191 13.79 6.40 -8.94
CA VAL A 191 12.39 6.20 -8.56
C VAL A 191 12.34 5.32 -7.33
N THR A 192 11.61 5.78 -6.31
CA THR A 192 11.28 5.01 -5.13
C THR A 192 9.77 4.83 -5.11
N VAL A 193 9.32 3.58 -5.12
CA VAL A 193 7.91 3.28 -4.93
C VAL A 193 7.67 3.07 -3.45
N PHE A 194 6.67 3.76 -2.90
CA PHE A 194 6.35 3.62 -1.50
C PHE A 194 4.84 3.53 -1.34
N GLY A 195 4.40 2.82 -0.32
CA GLY A 195 2.98 2.60 -0.16
C GLY A 195 2.68 2.18 1.26
N GLU A 196 1.38 2.08 1.56
CA GLU A 196 0.98 1.71 2.91
C GLU A 196 -0.12 0.67 2.87
N SER A 197 -0.08 -0.24 3.84
CA SER A 197 -1.09 -1.30 4.02
C SER A 197 -1.18 -2.08 2.71
N ALA A 198 -2.37 -2.25 2.11
CA ALA A 198 -2.49 -3.03 0.89
C ALA A 198 -1.58 -2.49 -0.22
N GLY A 199 -1.29 -1.19 -0.22
CA GLY A 199 -0.33 -0.66 -1.18
C GLY A 199 1.07 -1.21 -0.95
N ALA A 200 1.50 -1.24 0.32
CA ALA A 200 2.78 -1.85 0.64
C ALA A 200 2.76 -3.35 0.37
N SER A 201 1.62 -4.00 0.57
CA SER A 201 1.50 -5.42 0.23
C SER A 201 1.67 -5.63 -1.27
N ALA A 202 1.10 -4.73 -2.07
CA ALA A 202 1.26 -4.83 -3.52
C ALA A 202 2.72 -4.64 -3.92
N ILE A 203 3.38 -3.63 -3.35
CA ILE A 203 4.80 -3.43 -3.61
C ILE A 203 5.60 -4.68 -3.26
N GLY A 204 5.32 -5.26 -2.09
CA GLY A 204 6.05 -6.44 -1.67
C GLY A 204 5.85 -7.62 -2.61
N LEU A 205 4.60 -7.85 -3.03
CA LEU A 205 4.34 -8.92 -3.99
C LEU A 205 5.04 -8.65 -5.32
N LEU A 206 5.08 -7.39 -5.74
CA LEU A 206 5.74 -7.04 -6.99
C LEU A 206 7.24 -7.21 -6.91
N LEU A 207 7.80 -7.16 -5.69
CA LEU A 207 9.22 -7.49 -5.53
C LEU A 207 9.52 -8.93 -5.95
N THR A 208 8.51 -9.80 -6.00
CA THR A 208 8.68 -11.16 -6.49
C THR A 208 8.21 -11.32 -7.93
N SER A 209 7.85 -10.23 -8.59
CA SER A 209 7.31 -10.31 -9.94
C SER A 209 8.39 -9.98 -10.96
N PRO A 210 8.61 -10.83 -11.97
CA PRO A 210 9.52 -10.44 -13.05
C PRO A 210 9.05 -9.21 -13.81
N LEU A 211 7.76 -8.86 -13.73
CA LEU A 211 7.22 -7.71 -14.45
C LEU A 211 7.66 -6.37 -13.85
N SER A 212 8.24 -6.35 -12.66
CA SER A 212 8.61 -5.08 -12.03
C SER A 212 10.02 -4.63 -12.40
N LYS A 213 10.75 -5.42 -13.19
CA LYS A 213 12.13 -5.12 -13.51
C LYS A 213 12.31 -3.71 -14.08
N GLY A 214 13.24 -2.96 -13.49
CA GLY A 214 13.62 -1.67 -14.00
C GLY A 214 12.62 -0.55 -13.77
N LEU A 215 11.62 -0.73 -12.93
CA LEU A 215 10.60 0.29 -12.73
C LEU A 215 10.84 1.12 -11.47
N PHE A 216 11.77 0.74 -10.61
CA PHE A 216 12.13 1.52 -9.44
C PHE A 216 13.43 0.98 -8.86
N ARG A 217 14.25 1.89 -8.33
CA ARG A 217 15.46 1.48 -7.64
C ARG A 217 15.23 1.30 -6.14
N GLY A 218 14.13 1.81 -5.60
CA GLY A 218 13.88 1.74 -4.19
C GLY A 218 12.42 1.46 -3.91
N ALA A 219 12.16 0.87 -2.75
CA ALA A 219 10.81 0.53 -2.33
C ALA A 219 10.68 0.73 -0.82
N ILE A 220 9.66 1.47 -0.41
CA ILE A 220 9.32 1.66 0.99
C ILE A 220 8.00 0.98 1.26
N LEU A 221 7.99 0.04 2.19
CA LEU A 221 6.81 -0.75 2.53
C LEU A 221 6.38 -0.41 3.94
N GLU A 222 5.27 0.34 4.07
CA GLU A 222 4.74 0.73 5.37
C GLU A 222 3.59 -0.22 5.73
N SER A 223 3.82 -1.08 6.72
CA SER A 223 2.84 -2.06 7.19
C SER A 223 2.28 -2.92 6.05
N PRO A 224 3.12 -3.64 5.31
CA PRO A 224 2.60 -4.56 4.29
C PRO A 224 2.09 -5.85 4.90
N GLY A 225 1.04 -6.39 4.27
CA GLY A 225 0.56 -7.72 4.63
C GLY A 225 1.09 -8.78 3.69
N LEU A 226 2.11 -9.51 4.13
CA LEU A 226 2.86 -10.43 3.28
C LEU A 226 2.93 -11.82 3.92
N THR A 227 3.32 -12.80 3.10
CA THR A 227 3.31 -14.22 3.45
C THR A 227 1.94 -14.68 3.91
N ARG A 228 0.88 -13.98 3.47
CA ARG A 228 -0.50 -14.35 3.75
C ARG A 228 -0.99 -15.37 2.73
N PRO A 229 -2.04 -16.12 3.06
CA PRO A 229 -2.64 -17.03 2.07
C PRO A 229 -3.10 -16.30 0.83
N LEU A 230 -2.75 -16.86 -0.33
CA LEU A 230 -3.17 -16.34 -1.63
C LEU A 230 -3.88 -17.44 -2.40
N ALA A 231 -4.96 -17.06 -3.08
CA ALA A 231 -5.69 -18.02 -3.90
C ALA A 231 -4.92 -18.32 -5.19
N THR A 232 -5.06 -19.56 -5.67
CA THR A 232 -4.49 -19.93 -6.95
C THR A 232 -5.40 -19.45 -8.07
N LEU A 233 -4.84 -19.41 -9.28
CA LEU A 233 -5.63 -19.02 -10.44
C LEU A 233 -6.78 -20.00 -10.67
N ALA A 234 -6.53 -21.30 -10.45
CA ALA A 234 -7.59 -22.29 -10.66
C ALA A 234 -8.77 -22.04 -9.73
N ASP A 235 -8.51 -21.87 -8.43
CA ASP A 235 -9.59 -21.65 -7.47
C ASP A 235 -10.31 -20.33 -7.71
N SER A 236 -9.55 -19.27 -7.98
CA SER A 236 -10.17 -17.97 -8.20
C SER A 236 -11.02 -17.97 -9.47
N ALA A 237 -10.54 -18.65 -10.52
CA ALA A 237 -11.29 -18.73 -11.76
C ALA A 237 -12.55 -19.59 -11.58
N ALA A 238 -12.45 -20.66 -10.79
CA ALA A 238 -13.65 -21.43 -10.48
C ALA A 238 -14.66 -20.58 -9.72
N SER A 239 -14.20 -19.79 -8.75
CA SER A 239 -15.09 -18.88 -8.05
C SER A 239 -15.76 -17.90 -9.01
N GLY A 240 -14.98 -17.32 -9.90
CA GLY A 240 -15.53 -16.39 -10.87
C GLY A 240 -16.57 -17.03 -11.78
N GLU A 241 -16.32 -18.28 -12.20
CA GLU A 241 -17.30 -18.99 -13.01
C GLU A 241 -18.57 -19.26 -12.22
N ARG A 242 -18.44 -19.51 -10.91
CA ARG A 242 -19.61 -19.65 -10.06
C ARG A 242 -20.41 -18.36 -9.96
N LEU A 243 -19.73 -17.21 -10.00
CA LEU A 243 -20.46 -15.94 -10.00
C LEU A 243 -21.36 -15.84 -11.23
N ASP A 244 -20.80 -16.13 -12.40
CA ASP A 244 -21.54 -16.18 -13.65
C ASP A 244 -20.68 -16.85 -14.71
N ALA A 245 -21.16 -17.94 -15.31
CA ALA A 245 -20.37 -18.65 -16.30
C ALA A 245 -20.28 -17.90 -17.62
N ASP A 246 -21.19 -16.96 -17.87
CA ASP A 246 -21.25 -16.19 -19.11
C ASP A 246 -20.46 -14.90 -18.92
N LEU A 247 -19.24 -14.86 -19.45
CA LEU A 247 -18.39 -13.68 -19.28
C LEU A 247 -19.01 -12.44 -19.92
N SER A 248 -19.69 -12.62 -21.06
CA SER A 248 -20.32 -11.48 -21.73
C SER A 248 -21.33 -10.81 -20.84
N ARG A 249 -22.18 -11.60 -20.17
CA ARG A 249 -23.16 -11.01 -19.25
C ARG A 249 -22.47 -10.28 -18.10
N LEU A 250 -21.38 -10.85 -17.58
CA LEU A 250 -20.60 -10.15 -16.56
C LEU A 250 -20.11 -8.79 -17.06
N ARG A 251 -19.60 -8.75 -18.31
CA ARG A 251 -19.08 -7.50 -18.84
C ARG A 251 -20.19 -6.51 -19.18
N SER A 252 -21.43 -6.98 -19.36
CA SER A 252 -22.54 -6.09 -19.63
C SER A 252 -23.29 -5.69 -18.36
N THR A 253 -22.75 -6.02 -17.19
CA THR A 253 -23.37 -5.65 -15.92
C THR A 253 -22.81 -4.32 -15.42
N ASP A 254 -23.71 -3.44 -15.00
CA ASP A 254 -23.31 -2.14 -14.47
C ASP A 254 -22.33 -2.33 -13.32
N PRO A 255 -21.27 -1.51 -13.25
CA PRO A 255 -20.22 -1.77 -12.25
C PRO A 255 -20.70 -1.64 -10.81
N ALA A 256 -21.56 -0.68 -10.49
CA ALA A 256 -22.07 -0.59 -9.13
C ALA A 256 -22.87 -1.83 -8.74
N THR A 257 -23.69 -2.33 -9.68
CA THR A 257 -24.48 -3.53 -9.42
C THR A 257 -23.59 -4.73 -9.12
N LEU A 258 -22.57 -4.94 -9.95
CA LEU A 258 -21.67 -6.08 -9.75
C LEU A 258 -20.85 -5.91 -8.48
N MET A 259 -20.41 -4.70 -8.18
CA MET A 259 -19.68 -4.43 -6.95
C MET A 259 -20.53 -4.77 -5.73
N ALA A 260 -21.79 -4.32 -5.72
CA ALA A 260 -22.67 -4.62 -4.60
C ALA A 260 -22.93 -6.12 -4.49
N ARG A 261 -23.14 -6.79 -5.63
CA ARG A 261 -23.39 -8.22 -5.62
C ARG A 261 -22.20 -8.97 -5.00
N ALA A 262 -20.99 -8.59 -5.39
CA ALA A 262 -19.80 -9.24 -4.84
C ALA A 262 -19.60 -8.88 -3.38
N ASP A 263 -19.89 -7.64 -3.00
CA ASP A 263 -19.73 -7.21 -1.61
C ASP A 263 -20.66 -7.98 -0.68
N ALA A 264 -21.88 -8.26 -1.14
CA ALA A 264 -22.82 -9.00 -0.30
C ALA A 264 -22.28 -10.37 0.08
N ALA A 265 -21.44 -10.96 -0.77
CA ALA A 265 -20.88 -12.28 -0.52
C ALA A 265 -19.65 -12.26 0.37
N ARG A 266 -19.15 -11.08 0.74
CA ARG A 266 -17.99 -11.00 1.59
C ARG A 266 -18.28 -11.56 2.98
N PRO A 267 -17.27 -12.11 3.65
CA PRO A 267 -17.45 -12.54 5.04
C PRO A 267 -17.47 -11.35 5.97
N ALA A 268 -18.38 -11.39 6.96
CA ALA A 268 -18.44 -10.33 7.95
C ALA A 268 -17.28 -10.40 8.94
N SER A 269 -16.78 -11.61 9.21
CA SER A 269 -15.64 -11.81 10.09
C SER A 269 -14.45 -12.28 9.25
N ARG A 270 -13.27 -11.82 9.63
CA ARG A 270 -12.05 -12.11 8.88
C ARG A 270 -11.39 -13.40 9.36
N ASP A 271 -11.36 -14.41 8.49
CA ASP A 271 -10.70 -15.67 8.77
C ASP A 271 -9.23 -15.55 8.36
N LEU A 272 -8.33 -15.67 9.34
CA LEU A 272 -6.90 -15.51 9.06
C LEU A 272 -6.35 -16.61 8.15
N ARG A 273 -7.02 -17.75 8.05
CA ARG A 273 -6.54 -18.86 7.25
C ARG A 273 -7.01 -18.80 5.80
N ARG A 274 -7.82 -17.81 5.43
CA ARG A 274 -8.36 -17.73 4.08
C ARG A 274 -7.72 -16.59 3.30
N PRO A 275 -7.70 -16.68 1.96
CA PRO A 275 -7.27 -15.53 1.16
C PRO A 275 -8.23 -14.36 1.32
N ARG A 276 -7.75 -13.18 0.95
CA ARG A 276 -8.62 -12.01 0.90
C ARG A 276 -9.80 -12.28 -0.03
N PRO A 277 -11.00 -11.80 0.30
CA PRO A 277 -12.15 -11.99 -0.61
C PRO A 277 -11.87 -11.51 -2.03
N THR A 278 -11.21 -10.36 -2.18
CA THR A 278 -10.74 -9.86 -3.46
C THR A 278 -9.32 -9.37 -3.27
N GLY A 279 -8.40 -9.91 -4.06
CA GLY A 279 -7.02 -9.49 -3.96
C GLY A 279 -6.09 -10.27 -4.87
N PRO A 280 -4.79 -10.05 -4.71
CA PRO A 280 -3.81 -10.69 -5.58
C PRO A 280 -3.89 -12.21 -5.49
N ILE A 281 -3.75 -12.87 -6.63
CA ILE A 281 -3.75 -14.32 -6.70
C ILE A 281 -2.46 -14.76 -7.37
N VAL A 282 -2.16 -16.05 -7.23
CA VAL A 282 -1.04 -16.64 -7.96
C VAL A 282 -1.53 -16.90 -9.38
N ASP A 283 -1.37 -15.91 -10.26
CA ASP A 283 -1.86 -16.04 -11.62
C ASP A 283 -0.87 -16.74 -12.53
N GLY A 284 0.39 -16.84 -12.12
CA GLY A 284 1.43 -17.41 -12.95
C GLY A 284 2.10 -16.43 -13.89
N HIS A 285 1.53 -15.23 -14.05
CA HIS A 285 2.09 -14.20 -14.92
C HIS A 285 2.66 -13.05 -14.11
N VAL A 286 1.81 -12.32 -13.38
CA VAL A 286 2.29 -11.29 -12.47
C VAL A 286 3.00 -11.92 -11.27
N LEU A 287 2.39 -12.95 -10.69
CA LEU A 287 2.97 -13.67 -9.56
C LEU A 287 3.05 -15.15 -9.91
N PRO A 288 4.21 -15.63 -10.36
CA PRO A 288 4.33 -17.06 -10.71
C PRO A 288 4.22 -18.00 -9.52
N GLN A 289 4.31 -17.49 -8.30
CA GLN A 289 4.18 -18.32 -7.11
C GLN A 289 3.83 -17.41 -5.95
N THR A 290 3.51 -18.03 -4.81
CA THR A 290 3.27 -17.27 -3.59
C THR A 290 4.54 -16.51 -3.21
N ASP A 291 4.36 -15.43 -2.45
CA ASP A 291 5.53 -14.68 -1.99
C ASP A 291 6.35 -15.47 -0.98
N SER A 292 5.76 -16.43 -0.29
CA SER A 292 6.53 -17.29 0.61
C SER A 292 7.49 -18.17 -0.19
N ALA A 293 6.99 -18.80 -1.25
CA ALA A 293 7.86 -19.63 -2.09
C ALA A 293 8.93 -18.78 -2.78
N ALA A 294 8.55 -17.60 -3.26
CA ALA A 294 9.53 -16.70 -3.87
C ALA A 294 10.61 -16.29 -2.87
N ILE A 295 10.21 -15.95 -1.65
CA ILE A 295 11.17 -15.67 -0.57
C ILE A 295 12.13 -16.84 -0.40
N ALA A 296 11.58 -18.05 -0.30
CA ALA A 296 12.41 -19.22 -0.03
C ALA A 296 13.40 -19.46 -1.16
N ALA A 297 12.96 -19.29 -2.41
CA ALA A 297 13.83 -19.55 -3.55
C ALA A 297 14.69 -18.35 -3.93
N GLY A 298 14.62 -17.25 -3.18
CA GLY A 298 15.38 -16.07 -3.52
C GLY A 298 14.87 -15.29 -4.71
N GLN A 299 13.62 -15.51 -5.11
CA GLN A 299 13.00 -14.76 -6.21
C GLN A 299 12.54 -13.40 -5.68
N LEU A 300 13.53 -12.57 -5.34
CA LEU A 300 13.30 -11.24 -4.80
C LEU A 300 14.18 -10.25 -5.56
N ALA A 301 13.60 -9.13 -5.94
CA ALA A 301 14.39 -8.06 -6.50
C ALA A 301 15.18 -7.40 -5.38
N PRO A 302 16.52 -7.46 -5.38
CA PRO A 302 17.31 -6.90 -4.28
C PRO A 302 17.48 -5.38 -4.37
N VAL A 303 16.37 -4.68 -4.59
CA VAL A 303 16.34 -3.22 -4.66
C VAL A 303 16.56 -2.68 -3.26
N ARG A 304 16.82 -1.38 -3.16
CA ARG A 304 16.85 -0.73 -1.86
C ARG A 304 15.46 -0.78 -1.24
N VAL A 305 15.38 -1.22 0.01
CA VAL A 305 14.10 -1.42 0.68
C VAL A 305 14.13 -0.76 2.05
N LEU A 306 13.09 0.02 2.34
CA LEU A 306 12.79 0.48 3.68
C LEU A 306 11.45 -0.15 4.07
N ILE A 307 11.45 -0.94 5.13
CA ILE A 307 10.27 -1.69 5.54
C ILE A 307 10.09 -1.55 7.04
N GLY A 308 8.84 -1.60 7.48
CA GLY A 308 8.60 -1.55 8.92
C GLY A 308 7.14 -1.68 9.25
N THR A 309 6.88 -1.62 10.55
CA THR A 309 5.54 -1.82 11.09
C THR A 309 5.26 -0.76 12.15
N ASN A 310 4.01 -0.72 12.59
CA ASN A 310 3.65 0.08 13.76
C ASN A 310 3.52 -0.82 14.98
N ALA A 311 3.51 -0.19 16.15
CA ALA A 311 3.61 -0.95 17.39
C ALA A 311 2.45 -1.94 17.56
N ASP A 312 1.22 -1.50 17.26
CA ASP A 312 0.02 -2.27 17.56
C ASP A 312 -0.84 -2.36 16.30
N GLU A 313 -0.35 -3.12 15.31
CA GLU A 313 -1.03 -3.21 14.02
C GLU A 313 -2.46 -3.73 14.16
N GLY A 314 -2.68 -4.68 15.07
CA GLY A 314 -3.95 -5.37 15.12
C GLY A 314 -5.10 -4.60 15.73
N ARG A 315 -4.81 -3.57 16.53
CA ARG A 315 -5.87 -2.89 17.28
C ARG A 315 -6.94 -2.33 16.35
N ALA A 316 -6.54 -1.83 15.19
CA ALA A 316 -7.48 -1.23 14.25
C ALA A 316 -8.42 -2.25 13.61
N PHE A 317 -8.17 -3.55 13.77
CA PHE A 317 -8.98 -4.59 13.13
C PHE A 317 -9.92 -5.29 14.09
N LEU A 318 -10.02 -4.82 15.34
CA LEU A 318 -10.68 -5.60 16.38
C LEU A 318 -12.15 -5.88 16.04
N GLY A 319 -12.88 -4.85 15.62
CA GLY A 319 -14.29 -5.03 15.36
C GLY A 319 -15.13 -4.79 16.59
N ARG A 320 -16.36 -5.31 16.53
CA ARG A 320 -17.36 -5.01 17.55
C ARG A 320 -17.85 -6.22 18.33
N ALA A 321 -17.45 -7.43 17.94
CA ALA A 321 -17.79 -8.60 18.74
C ALA A 321 -17.23 -8.45 20.15
N PRO A 322 -17.95 -8.88 21.17
CA PRO A 322 -17.49 -8.67 22.55
C PRO A 322 -16.17 -9.38 22.81
N MET A 323 -15.20 -8.62 23.34
CA MET A 323 -13.88 -9.14 23.71
C MET A 323 -13.48 -8.48 25.04
N GLU A 324 -14.13 -8.89 26.12
CA GLU A 324 -13.85 -8.34 27.44
C GLU A 324 -13.45 -9.39 28.47
N THR A 325 -13.87 -10.64 28.32
CA THR A 325 -13.69 -11.67 29.31
C THR A 325 -12.78 -12.78 28.80
N PRO A 326 -12.20 -13.58 29.70
CA PRO A 326 -11.47 -14.77 29.24
C PRO A 326 -12.35 -15.73 28.45
N ALA A 327 -13.66 -15.76 28.74
CA ALA A 327 -14.56 -16.60 27.96
C ALA A 327 -14.63 -16.11 26.52
N ASP A 328 -14.73 -14.80 26.31
CA ASP A 328 -14.71 -14.24 24.96
C ASP A 328 -13.44 -14.62 24.23
N TYR A 329 -12.29 -14.49 24.90
CA TYR A 329 -11.01 -14.79 24.28
C TYR A 329 -10.90 -16.26 23.91
N GLN A 330 -11.31 -17.14 24.83
CA GLN A 330 -11.32 -18.57 24.54
C GLN A 330 -12.23 -18.89 23.36
N ALA A 331 -13.41 -18.26 23.30
CA ALA A 331 -14.32 -18.50 22.19
C ALA A 331 -13.71 -18.06 20.86
N TYR A 332 -13.02 -16.92 20.86
CA TYR A 332 -12.34 -16.46 19.65
C TYR A 332 -11.25 -17.45 19.24
N LEU A 333 -10.42 -17.87 20.20
CA LEU A 333 -9.34 -18.81 19.88
C LEU A 333 -9.91 -20.09 19.30
N GLU A 334 -10.99 -20.62 19.88
CA GLU A 334 -11.60 -21.82 19.35
C GLU A 334 -12.13 -21.59 17.94
N ALA A 335 -12.90 -20.50 17.74
CA ALA A 335 -13.47 -20.23 16.43
C ALA A 335 -12.40 -20.10 15.34
N GLN A 336 -11.27 -19.48 15.65
CA GLN A 336 -10.29 -19.22 14.60
C GLN A 336 -9.27 -20.34 14.44
N PHE A 337 -8.92 -21.06 15.51
CA PHE A 337 -7.83 -22.00 15.44
C PHE A 337 -8.21 -23.45 15.75
N GLY A 338 -9.47 -23.75 16.08
CA GLY A 338 -9.88 -25.13 16.24
C GLY A 338 -9.13 -25.84 17.36
N ASP A 339 -8.58 -27.00 17.01
CA ASP A 339 -7.85 -27.82 17.97
C ASP A 339 -6.53 -27.20 18.39
N GLN A 340 -6.04 -26.18 17.69
CA GLN A 340 -4.82 -25.48 18.07
C GLN A 340 -5.08 -24.30 19.00
N ALA A 341 -6.29 -24.21 19.56
CA ALA A 341 -6.62 -23.10 20.44
C ALA A 341 -5.74 -23.10 21.69
N ALA A 342 -5.47 -24.28 22.25
CA ALA A 342 -4.62 -24.35 23.43
C ALA A 342 -3.19 -23.95 23.11
N ALA A 343 -2.69 -24.33 21.93
CA ALA A 343 -1.32 -23.96 21.55
C ALA A 343 -1.21 -22.45 21.36
N VAL A 344 -2.18 -21.85 20.67
CA VAL A 344 -2.18 -20.40 20.49
C VAL A 344 -2.32 -19.69 21.83
N ALA A 345 -3.13 -20.25 22.74
CA ALA A 345 -3.25 -19.67 24.07
C ALA A 345 -1.92 -19.75 24.83
N ALA A 346 -1.18 -20.84 24.64
CA ALA A 346 0.13 -20.95 25.26
C ALA A 346 1.08 -19.90 24.71
N CYS A 347 1.00 -19.64 23.40
CA CYS A 347 1.84 -18.60 22.80
C CYS A 347 1.34 -17.20 23.15
N TYR A 348 0.03 -17.05 23.37
CA TYR A 348 -0.58 -15.75 23.64
C TYR A 348 -1.49 -15.87 24.86
N PRO A 349 -0.90 -16.01 26.05
CA PRO A 349 -1.73 -16.29 27.23
C PRO A 349 -2.39 -15.04 27.79
N LEU A 350 -3.57 -15.25 28.36
CA LEU A 350 -4.23 -14.25 29.21
C LEU A 350 -3.76 -14.48 30.64
N ASP A 351 -2.57 -13.98 30.95
CA ASP A 351 -1.95 -14.20 32.25
C ASP A 351 -1.94 -12.95 33.12
N GLY A 352 -2.71 -11.92 32.76
CA GLY A 352 -2.73 -10.68 33.49
C GLY A 352 -1.86 -9.59 32.90
N ARG A 353 -1.04 -9.92 31.90
CA ARG A 353 -0.19 -8.93 31.28
C ARG A 353 -0.94 -8.05 30.27
N ALA A 354 -1.98 -8.59 29.65
CA ALA A 354 -2.74 -7.84 28.65
C ALA A 354 -4.21 -8.26 28.69
N THR A 355 -5.06 -7.37 28.18
CA THR A 355 -6.48 -7.64 28.08
C THR A 355 -6.76 -8.58 26.91
N PRO A 356 -7.95 -9.20 26.89
CA PRO A 356 -8.32 -10.01 25.71
C PRO A 356 -8.25 -9.23 24.41
N LYS A 357 -8.71 -7.97 24.40
CA LYS A 357 -8.58 -7.14 23.21
C LYS A 357 -7.12 -7.00 22.79
N GLU A 358 -6.23 -6.75 23.76
CA GLU A 358 -4.83 -6.57 23.45
C GLU A 358 -4.22 -7.85 22.90
N MET A 359 -4.65 -9.01 23.42
CA MET A 359 -4.09 -10.27 22.93
C MET A 359 -4.61 -10.61 21.55
N VAL A 360 -5.90 -10.38 21.29
CA VAL A 360 -6.42 -10.58 19.93
C VAL A 360 -5.71 -9.66 18.95
N ALA A 361 -5.43 -8.42 19.38
CA ALA A 361 -4.68 -7.50 18.53
C ALA A 361 -3.26 -8.01 18.27
N ARG A 362 -2.60 -8.53 19.31
CA ARG A 362 -1.28 -9.12 19.13
C ARG A 362 -1.33 -10.24 18.09
N ILE A 363 -2.29 -11.16 18.24
CA ILE A 363 -2.39 -12.29 17.33
C ILE A 363 -2.62 -11.81 15.90
N PHE A 364 -3.56 -10.88 15.73
CA PHE A 364 -3.89 -10.39 14.40
C PHE A 364 -2.69 -9.70 13.76
N GLY A 365 -2.02 -8.81 14.52
CA GLY A 365 -0.89 -8.08 13.96
C GLY A 365 0.28 -8.98 13.63
N ASP A 366 0.57 -9.97 14.48
CA ASP A 366 1.65 -10.91 14.19
C ASP A 366 1.33 -11.72 12.94
N ASN A 367 0.10 -12.25 12.85
CA ASN A 367 -0.23 -13.14 11.75
C ASN A 367 -0.34 -12.38 10.42
N GLN A 368 -0.89 -11.16 10.44
CA GLN A 368 -1.20 -10.44 9.22
C GLN A 368 -0.12 -9.45 8.80
N PHE A 369 0.81 -9.11 9.69
CA PHE A 369 1.81 -8.10 9.36
C PHE A 369 3.22 -8.48 9.82
N ASN A 370 3.40 -8.73 11.12
CA ASN A 370 4.74 -8.79 11.68
C ASN A 370 5.53 -9.99 11.16
N ARG A 371 4.86 -11.14 10.97
CA ARG A 371 5.54 -12.33 10.47
C ARG A 371 6.05 -12.12 9.06
N GLY A 372 5.20 -11.56 8.18
CA GLY A 372 5.62 -11.31 6.81
C GLY A 372 6.71 -10.28 6.73
N VAL A 373 6.68 -9.26 7.59
CA VAL A 373 7.72 -8.26 7.60
C VAL A 373 9.05 -8.86 8.03
N SER A 374 9.03 -9.70 9.07
CA SER A 374 10.25 -10.40 9.46
C SER A 374 10.77 -11.27 8.32
N ALA A 375 9.88 -12.01 7.66
CA ALA A 375 10.31 -12.92 6.60
C ALA A 375 10.93 -12.16 5.44
N PHE A 376 10.28 -11.08 4.99
CA PHE A 376 10.82 -10.28 3.90
C PHE A 376 12.13 -9.60 4.30
N SER A 377 12.23 -9.10 5.53
CA SER A 377 13.47 -8.48 5.98
C SER A 377 14.63 -9.48 5.93
N GLU A 378 14.42 -10.66 6.51
CA GLU A 378 15.47 -11.67 6.49
C GLU A 378 15.83 -12.08 5.07
N ALA A 379 14.84 -12.27 4.20
CA ALA A 379 15.15 -12.68 2.83
C ALA A 379 15.89 -11.58 2.06
N LEU A 380 15.54 -10.32 2.32
CA LEU A 380 16.24 -9.22 1.66
C LEU A 380 17.69 -9.12 2.14
N VAL A 381 17.92 -9.32 3.44
CA VAL A 381 19.29 -9.42 3.92
C VAL A 381 20.01 -10.57 3.21
N ARG A 382 19.33 -11.71 3.09
CA ARG A 382 19.95 -12.90 2.52
C ARG A 382 20.31 -12.70 1.05
N GLN A 383 19.56 -11.87 0.33
CA GLN A 383 19.79 -11.66 -1.10
C GLN A 383 20.76 -10.50 -1.37
N GLY A 384 21.37 -9.93 -0.33
CA GLY A 384 22.32 -8.86 -0.53
C GLY A 384 21.70 -7.51 -0.81
N ALA A 385 20.42 -7.33 -0.50
CA ALA A 385 19.78 -6.05 -0.74
C ALA A 385 20.19 -5.02 0.30
N PRO A 386 20.24 -3.75 -0.08
CA PRO A 386 20.29 -2.69 0.92
C PRO A 386 18.93 -2.52 1.58
N VAL A 387 18.80 -2.93 2.85
CA VAL A 387 17.50 -3.00 3.50
C VAL A 387 17.58 -2.36 4.88
N TRP A 388 16.62 -1.48 5.18
CA TRP A 388 16.45 -0.85 6.47
C TRP A 388 15.06 -1.18 7.02
N ARG A 389 14.96 -1.24 8.35
CA ARG A 389 13.72 -1.60 9.00
C ARG A 389 13.39 -0.61 10.11
N TYR A 390 12.09 -0.37 10.29
CA TYR A 390 11.61 0.54 11.33
C TYR A 390 10.41 -0.05 12.06
N GLN A 391 10.22 0.43 13.28
CA GLN A 391 8.98 0.28 14.02
C GLN A 391 8.53 1.65 14.51
N PHE A 392 7.30 2.02 14.17
CA PHE A 392 6.71 3.31 14.54
C PHE A 392 5.84 3.08 15.77
N ASN A 393 6.36 3.46 16.94
CA ASN A 393 5.58 3.37 18.17
C ASN A 393 4.70 4.61 18.36
N GLY A 394 5.12 5.76 17.84
CA GLY A 394 4.38 6.98 18.02
C GLY A 394 4.75 7.69 19.31
N ASN A 395 4.10 8.84 19.52
CA ASN A 395 4.35 9.65 20.70
C ASN A 395 3.34 9.28 21.78
N THR A 396 3.77 8.42 22.70
CA THR A 396 2.92 7.91 23.75
C THR A 396 3.05 8.68 25.07
N GLU A 397 3.77 9.80 25.06
CA GLU A 397 4.13 10.46 26.32
C GLU A 397 2.91 10.98 27.07
N GLY A 398 1.88 11.41 26.35
CA GLY A 398 0.73 12.00 27.02
C GLY A 398 -0.34 10.99 27.39
N GLY A 399 0.03 9.72 27.44
CA GLY A 399 -0.93 8.65 27.61
C GLY A 399 -1.59 8.18 26.34
N ARG A 400 -1.05 8.54 25.17
CA ARG A 400 -1.62 8.11 23.91
C ARG A 400 -1.32 6.62 23.68
N ALA A 401 -2.30 5.91 23.12
CA ALA A 401 -2.12 4.51 22.84
C ALA A 401 -0.98 4.31 21.84
N PRO A 402 -0.27 3.18 21.90
CA PRO A 402 0.73 2.87 20.87
C PRO A 402 0.11 2.92 19.48
N ALA A 403 0.92 3.32 18.52
CA ALA A 403 0.44 3.53 17.15
C ALA A 403 -0.13 2.23 16.58
N THR A 404 -1.31 2.33 15.97
CA THR A 404 -1.90 1.20 15.29
C THR A 404 -1.80 1.40 13.78
N HIS A 405 -2.55 0.58 13.04
CA HIS A 405 -2.46 0.55 11.58
C HIS A 405 -2.83 1.90 10.98
N GLY A 406 -1.95 2.41 10.11
CA GLY A 406 -2.17 3.66 9.41
C GLY A 406 -1.65 4.89 10.12
N ALA A 407 -1.23 4.78 11.39
CA ALA A 407 -0.96 5.98 12.19
C ALA A 407 0.22 6.79 11.64
N GLU A 408 1.12 6.14 10.91
CA GLU A 408 2.36 6.82 10.51
C GLU A 408 2.22 7.65 9.24
N ILE A 409 1.09 7.53 8.52
CA ILE A 409 0.96 8.23 7.25
C ILE A 409 1.14 9.74 7.36
N PRO A 410 0.52 10.44 8.33
CA PRO A 410 0.75 11.89 8.42
C PRO A 410 2.17 12.25 8.78
N TYR A 411 2.90 11.36 9.48
CA TYR A 411 4.28 11.64 9.82
C TYR A 411 5.20 11.47 8.61
N VAL A 412 4.74 10.78 7.57
CA VAL A 412 5.49 10.66 6.32
C VAL A 412 5.11 11.77 5.35
N PHE A 413 3.80 11.99 5.13
CA PHE A 413 3.37 12.97 4.13
C PHE A 413 3.45 14.40 4.65
N GLY A 414 3.33 14.61 5.95
CA GLY A 414 3.39 15.95 6.51
C GLY A 414 2.08 16.70 6.58
N VAL A 415 0.96 16.05 6.29
CA VAL A 415 -0.35 16.67 6.31
C VAL A 415 -1.09 16.11 7.53
N PHE A 416 -1.14 16.90 8.60
CA PHE A 416 -1.78 16.47 9.85
C PHE A 416 -3.25 16.85 9.79
N LYS A 417 -4.01 16.05 9.03
CA LYS A 417 -5.45 16.17 8.96
C LYS A 417 -6.06 14.82 9.29
N LEU A 418 -7.00 14.80 10.22
CA LEU A 418 -7.58 13.56 10.70
C LEU A 418 -8.25 12.80 9.56
N ASP A 419 -8.14 11.47 9.62
CA ASP A 419 -8.83 10.62 8.67
C ASP A 419 -10.25 10.35 9.15
N GLU A 420 -11.05 9.76 8.27
CA GLU A 420 -12.45 9.49 8.56
C GLU A 420 -12.65 8.15 9.26
N LEU A 421 -11.65 7.27 9.24
CA LEU A 421 -11.77 5.96 9.86
C LEU A 421 -11.26 5.95 11.29
N GLY A 422 -10.97 7.12 11.86
CA GLY A 422 -10.47 7.21 13.21
C GLY A 422 -9.13 6.54 13.46
N LEU A 423 -8.23 6.56 12.48
CA LEU A 423 -6.93 5.90 12.65
C LEU A 423 -5.83 6.86 13.11
N PHE A 424 -5.85 8.11 12.64
CA PHE A 424 -4.83 9.09 13.05
C PHE A 424 -5.16 9.62 14.44
N ASP A 425 -4.19 9.57 15.34
CA ASP A 425 -4.42 9.83 16.76
C ASP A 425 -3.60 11.02 17.25
N TRP A 426 -4.26 12.14 17.47
CA TRP A 426 -3.67 13.29 18.14
C TRP A 426 -4.80 14.16 18.69
N PRO A 427 -4.50 15.05 19.65
CA PRO A 427 -5.58 15.80 20.33
C PRO A 427 -6.40 16.62 19.35
N PRO A 428 -7.65 16.94 19.70
CA PRO A 428 -8.49 17.71 18.78
C PRO A 428 -7.94 19.10 18.47
N GLU A 429 -7.16 19.68 19.38
CA GLU A 429 -6.55 20.98 19.11
C GLU A 429 -5.57 20.89 17.96
N GLY A 430 -5.00 19.71 17.72
CA GLY A 430 -4.02 19.52 16.68
C GLY A 430 -2.87 18.67 17.18
N PRO A 431 -1.94 18.35 16.30
CA PRO A 431 -0.77 17.57 16.72
C PRO A 431 0.10 18.34 17.70
N THR A 432 0.71 17.60 18.63
CA THR A 432 1.61 18.21 19.59
C THR A 432 2.90 18.62 18.88
N PRO A 433 3.70 19.50 19.49
CA PRO A 433 5.01 19.80 18.91
C PRO A 433 5.90 18.56 18.75
N ALA A 434 5.77 17.58 19.65
CA ALA A 434 6.49 16.32 19.46
C ALA A 434 6.00 15.58 18.22
N ASP A 435 4.71 15.65 17.94
CA ASP A 435 4.19 15.03 16.71
C ASP A 435 4.83 15.67 15.48
N ARG A 436 4.91 17.00 15.45
CA ARG A 436 5.48 17.68 14.30
C ARG A 436 6.99 17.42 14.19
N ALA A 437 7.68 17.32 15.33
CA ALA A 437 9.11 17.02 15.29
C ALA A 437 9.36 15.62 14.76
N LEU A 438 8.59 14.64 15.24
CA LEU A 438 8.70 13.28 14.73
C LEU A 438 8.36 13.22 13.24
N GLY A 439 7.36 14.00 12.82
CA GLY A 439 7.02 14.05 11.41
C GLY A 439 8.14 14.61 10.56
N GLN A 440 8.77 15.68 11.03
CA GLN A 440 9.91 16.23 10.30
C GLN A 440 11.03 15.20 10.18
N LEU A 441 11.38 14.56 11.30
CA LEU A 441 12.43 13.54 11.28
C LEU A 441 12.10 12.43 10.29
N MET A 442 10.90 11.87 10.39
CA MET A 442 10.55 10.70 9.58
C MET A 442 10.42 11.07 8.11
N SER A 443 9.78 12.20 7.80
CA SER A 443 9.62 12.61 6.42
C SER A 443 10.97 12.92 5.77
N SER A 444 11.87 13.57 6.53
CA SER A 444 13.22 13.82 6.03
C SER A 444 13.96 12.51 5.77
N ALA A 445 13.77 11.51 6.63
CA ALA A 445 14.43 10.23 6.40
C ALA A 445 13.90 9.56 5.14
N TRP A 446 12.57 9.59 4.94
CA TRP A 446 11.99 9.06 3.71
C TRP A 446 12.57 9.76 2.48
N VAL A 447 12.67 11.10 2.53
CA VAL A 447 13.21 11.85 1.40
C VAL A 447 14.67 11.49 1.17
N ARG A 448 15.44 11.30 2.25
CA ARG A 448 16.82 10.87 2.10
C ARG A 448 16.91 9.49 1.46
N PHE A 449 15.98 8.60 1.80
CA PHE A 449 15.96 7.30 1.16
C PHE A 449 15.70 7.44 -0.34
N ALA A 450 14.81 8.36 -0.71
CA ALA A 450 14.52 8.56 -2.13
C ALA A 450 15.72 9.18 -2.85
N LYS A 451 16.44 10.10 -2.18
CA LYS A 451 17.51 10.85 -2.82
C LYS A 451 18.80 10.04 -2.93
N ASN A 452 19.19 9.38 -1.84
CA ASN A 452 20.50 8.74 -1.73
C ASN A 452 20.41 7.22 -1.64
N GLY A 453 19.20 6.66 -1.57
CA GLY A 453 19.07 5.23 -1.33
C GLY A 453 19.36 4.81 0.09
N ASP A 454 19.34 5.75 1.03
CA ASP A 454 19.79 5.52 2.39
C ASP A 454 19.04 6.48 3.32
N PRO A 455 18.30 5.98 4.31
CA PRO A 455 17.54 6.87 5.19
C PRO A 455 18.37 7.54 6.28
N ALA A 456 19.64 7.20 6.41
CA ALA A 456 20.47 7.84 7.41
C ALA A 456 20.83 9.26 6.98
N GLY A 457 21.10 10.11 7.98
CA GLY A 457 21.51 11.48 7.74
C GLY A 457 22.58 11.88 8.74
N ASP A 458 23.00 13.14 8.63
CA ASP A 458 24.02 13.68 9.52
C ASP A 458 23.55 13.80 10.97
N ALA A 459 22.25 13.69 11.22
CA ALA A 459 21.71 13.75 12.57
C ALA A 459 20.91 12.51 12.94
N LEU A 460 20.87 11.51 12.05
CA LEU A 460 20.09 10.29 12.30
C LEU A 460 20.94 9.09 11.87
N THR A 461 21.57 8.43 12.84
CA THR A 461 22.32 7.21 12.57
C THR A 461 21.32 6.07 12.38
N TRP A 462 21.40 5.39 11.23
CA TRP A 462 20.45 4.33 10.90
C TRP A 462 21.18 3.26 10.09
N PRO A 463 21.81 2.30 10.76
CA PRO A 463 22.44 1.20 10.04
C PRO A 463 21.40 0.28 9.42
N ALA A 464 21.82 -0.41 8.37
CA ALA A 464 20.96 -1.36 7.67
C ALA A 464 20.54 -2.49 8.60
N TYR A 465 19.38 -3.08 8.29
CA TYR A 465 18.88 -4.20 9.08
C TYR A 465 19.84 -5.39 9.02
N SER A 466 20.64 -5.49 7.96
CA SER A 466 21.62 -6.57 7.85
C SER A 466 22.70 -6.47 8.92
N THR A 467 22.84 -5.30 9.55
CA THR A 467 23.81 -5.10 10.64
C THR A 467 23.10 -5.30 11.97
N GLY A 468 23.23 -6.50 12.54
CA GLY A 468 22.69 -6.76 13.87
C GLY A 468 21.19 -6.56 14.00
N LYS A 469 20.43 -6.79 12.94
CA LYS A 469 18.99 -6.61 12.94
C LYS A 469 18.60 -5.22 13.42
N SER A 470 19.45 -4.24 13.13
CA SER A 470 19.19 -2.86 13.56
C SER A 470 17.86 -2.36 12.99
N THR A 471 17.02 -1.82 13.88
CA THR A 471 15.70 -1.35 13.53
C THR A 471 15.50 0.02 14.15
N MET A 472 15.16 1.01 13.32
CA MET A 472 14.89 2.34 13.83
C MET A 472 13.51 2.37 14.47
N THR A 473 13.44 2.77 15.73
CA THR A 473 12.18 2.95 16.42
C THR A 473 11.86 4.44 16.47
N PHE A 474 10.72 4.81 15.91
CA PHE A 474 10.23 6.18 16.01
C PHE A 474 9.37 6.22 17.27
N GLY A 475 10.05 6.41 18.39
CA GLY A 475 9.45 6.25 19.69
C GLY A 475 8.75 7.50 20.16
N PRO A 476 8.70 7.67 21.48
CA PRO A 476 7.95 8.79 22.05
C PRO A 476 8.76 10.08 22.03
N GLU A 477 8.08 11.17 22.40
CA GLU A 477 8.70 12.48 22.61
C GLU A 477 9.39 13.00 21.34
N GLY A 478 8.84 12.63 20.19
CA GLY A 478 9.38 13.11 18.92
C GLY A 478 10.78 12.67 18.64
N ARG A 479 11.22 11.56 19.22
CA ARG A 479 12.58 11.08 19.08
C ARG A 479 12.61 9.72 18.38
N ALA A 480 13.76 9.42 17.80
CA ALA A 480 14.01 8.15 17.12
C ALA A 480 15.30 7.56 17.66
N ALA A 481 15.39 6.23 17.63
CA ALA A 481 16.58 5.57 18.12
C ALA A 481 16.65 4.15 17.58
N VAL A 482 17.87 3.68 17.31
CA VAL A 482 18.09 2.35 16.76
C VAL A 482 18.05 1.31 17.88
N VAL A 483 17.44 0.17 17.59
CA VAL A 483 17.42 -0.98 18.50
C VAL A 483 18.05 -2.16 17.79
N SER A 484 18.98 -2.84 18.45
CA SER A 484 19.67 -4.00 17.90
C SER A 484 19.82 -5.08 18.97
N PRO A 485 19.20 -6.26 18.78
CA PRO A 485 18.36 -6.69 17.65
C PRO A 485 16.98 -6.06 17.72
N GLY A 486 16.26 -5.99 16.60
CA GLY A 486 14.99 -5.32 16.56
C GLY A 486 13.83 -6.20 16.96
N PRO A 487 12.62 -5.83 16.51
CA PRO A 487 11.42 -6.57 16.92
C PRO A 487 11.44 -8.00 16.42
N SER A 488 10.82 -8.89 17.19
CA SER A 488 10.76 -10.31 16.88
C SER A 488 9.42 -10.86 17.33
N ILE A 489 8.76 -11.61 16.46
CA ILE A 489 7.53 -12.32 16.81
C ILE A 489 7.90 -13.43 17.80
N PRO A 490 6.98 -13.87 18.65
CA PRO A 490 7.27 -15.00 19.54
C PRO A 490 7.61 -16.24 18.74
N PRO A 491 8.66 -16.97 19.12
CA PRO A 491 9.04 -18.17 18.36
C PRO A 491 7.94 -19.21 18.24
N CYS A 492 7.06 -19.32 19.24
CA CYS A 492 5.95 -20.25 19.17
C CYS A 492 4.93 -19.90 18.09
N ALA A 493 4.99 -18.68 17.55
CA ALA A 493 4.09 -18.29 16.48
C ALA A 493 4.73 -18.48 15.11
#